data_2ZH5
#
_entry.id   2ZH5
#
_cell.length_a   57.991
_cell.length_b   57.991
_cell.length_c   442.386
_cell.angle_alpha   90.00
_cell.angle_beta   90.00
_cell.angle_gamma   90.00
#
_symmetry.space_group_name_H-M   'P 43 21 2'
#
loop_
_entity.id
_entity.type
_entity.pdbx_description
1 polymer 'tRNA (34-MER)'
2 polymer 'CCA-adding enzyme'
3 non-polymer 'SULFATE ION'
4 water water
#
loop_
_entity_poly.entity_id
_entity_poly.type
_entity_poly.pdbx_seq_one_letter_code
_entity_poly.pdbx_strand_id
1 'polyribonucleotide' GGCCCGGGGCGGUUCGAUUCCGCCCUGGGCCACU B
2 'polypeptide(L)'
;MKVEEILEKALELVIPDEEEVRKGREAEEELRRRLDELGVEYVFVGSYARNTWLKGSLEIDVFLLFPEEFSKEELRERGL
EIGKAVLDSYEIRYAEHPYVHGVVKGVEVDVVPCYKLKEPKNIKSAVDRTPFHHKWLEGRIKGKENEVRLLKGFLKANGI
YGAEYKVRGFSGYLCELLIVFYGSFLETVKNARRWTRRTVIDVAKGEVRKGEEFFVVDPVDEKRNVAANLSLDNLARFVH
LCREFMEAPSLGFFKPKHPLEIEPERLRKIVEERGTAVFAVKFRKPDIVDDNLYPQLERASRKIFEFLERENFMPLRSAF
KASEEFCYLLFECQIKEISRVFRRMGPQFEDERNVKKFLSRNRAFRPFIENGRWWAFEMRKFTTPEEGVRSYASTHWHTL
GKNVGESIREYFEIISGEKLFKEPVTAELCEMMGVKD
;
A
#
# COMPACT_ATOMS: atom_id res chain seq x y z
N MET B 1 -22.39 22.44 -8.75
CA MET B 1 -22.05 21.17 -9.26
C MET B 1 -21.52 21.55 -10.52
N LYS B 2 -21.10 22.82 -10.65
CA LYS B 2 -19.75 23.25 -10.96
C LYS B 2 -18.67 22.88 -9.91
N VAL B 3 -17.48 22.80 -10.47
CA VAL B 3 -16.26 22.55 -9.71
C VAL B 3 -15.99 23.56 -8.59
N GLU B 4 -15.81 24.83 -8.96
CA GLU B 4 -15.54 25.90 -7.98
C GLU B 4 -16.47 25.78 -6.77
N GLU B 5 -17.73 25.49 -7.05
CA GLU B 5 -18.76 25.37 -6.01
C GLU B 5 -18.40 24.30 -4.99
N ILE B 6 -18.08 23.11 -5.50
CA ILE B 6 -17.73 21.97 -4.66
C ILE B 6 -16.44 22.21 -3.88
N LEU B 7 -15.42 22.71 -4.56
CA LEU B 7 -14.14 22.94 -3.91
C LEU B 7 -14.26 23.88 -2.71
N GLU B 8 -15.15 24.86 -2.79
CA GLU B 8 -15.35 25.76 -1.67
C GLU B 8 -15.87 24.94 -0.49
N LYS B 9 -16.88 24.14 -0.75
CA LYS B 9 -17.47 23.30 0.28
C LYS B 9 -16.48 22.24 0.75
N ALA B 10 -15.55 21.89 -0.12
CA ALA B 10 -14.55 20.86 0.20
C ALA B 10 -13.50 21.35 1.18
N LEU B 11 -13.06 22.59 1.01
CA LEU B 11 -12.06 23.16 1.90
C LEU B 11 -12.52 22.94 3.33
N GLU B 12 -13.83 22.93 3.50
CA GLU B 12 -14.46 22.76 4.80
C GLU B 12 -14.05 21.44 5.46
N LEU B 13 -13.87 20.40 4.66
CA LEU B 13 -13.49 19.09 5.18
C LEU B 13 -11.98 18.86 5.29
N VAL B 14 -11.21 19.55 4.46
CA VAL B 14 -9.75 19.40 4.45
C VAL B 14 -8.96 20.36 5.34
N ILE B 15 -9.45 21.59 5.50
CA ILE B 15 -8.75 22.57 6.31
C ILE B 15 -9.08 22.45 7.79
N PRO B 16 -8.05 22.57 8.65
CA PRO B 16 -8.21 22.48 10.10
C PRO B 16 -9.02 23.65 10.63
N ASP B 17 -9.93 23.39 11.57
CA ASP B 17 -10.74 24.45 12.17
C ASP B 17 -9.82 25.24 13.10
N GLU B 18 -10.28 26.40 13.57
CA GLU B 18 -9.45 27.24 14.44
C GLU B 18 -8.94 26.57 15.73
N GLU B 19 -9.74 25.70 16.34
CA GLU B 19 -9.30 25.03 17.57
C GLU B 19 -8.14 24.07 17.29
N GLU B 20 -8.20 23.36 16.17
CA GLU B 20 -7.13 22.42 15.85
C GLU B 20 -5.86 23.19 15.53
N VAL B 21 -6.02 24.35 14.90
CA VAL B 21 -4.87 25.19 14.56
C VAL B 21 -4.20 25.67 15.84
N ARG B 22 -4.97 26.39 16.66
CA ARG B 22 -4.49 26.90 17.93
C ARG B 22 -3.81 25.80 18.73
N LYS B 23 -4.54 24.70 18.93
CA LYS B 23 -4.02 23.56 19.66
C LYS B 23 -2.60 23.22 19.19
N GLY B 24 -2.38 23.27 17.88
CA GLY B 24 -1.07 22.96 17.34
C GLY B 24 -0.08 24.09 17.56
N ARG B 25 -0.53 25.31 17.32
CA ARG B 25 0.31 26.48 17.52
C ARG B 25 0.83 26.48 18.95
N GLU B 26 -0.08 26.35 19.91
CA GLU B 26 0.30 26.35 21.31
C GLU B 26 1.34 25.30 21.66
N ALA B 27 1.26 24.15 20.99
CA ALA B 27 2.20 23.07 21.23
C ALA B 27 3.54 23.42 20.60
N GLU B 28 3.51 24.05 19.43
CA GLU B 28 4.75 24.45 18.77
C GLU B 28 5.46 25.46 19.68
N GLU B 29 4.70 26.39 20.24
CA GLU B 29 5.26 27.40 21.14
C GLU B 29 5.96 26.72 22.32
N GLU B 30 5.24 25.85 23.02
CA GLU B 30 5.81 25.15 24.17
C GLU B 30 7.01 24.29 23.77
N LEU B 31 6.86 23.58 22.67
CA LEU B 31 7.93 22.72 22.19
C LEU B 31 9.21 23.51 21.90
N ARG B 32 9.07 24.72 21.35
CA ARG B 32 10.26 25.54 21.07
C ARG B 32 10.93 25.96 22.37
N ARG B 33 10.14 26.47 23.31
CA ARG B 33 10.67 26.90 24.59
C ARG B 33 11.44 25.77 25.27
N ARG B 34 10.78 24.63 25.45
CA ARG B 34 11.43 23.48 26.09
C ARG B 34 12.73 23.13 25.40
N LEU B 35 12.74 23.20 24.07
CA LEU B 35 13.94 22.90 23.29
C LEU B 35 15.00 23.98 23.45
N ASP B 36 14.57 25.23 23.56
CA ASP B 36 15.52 26.33 23.70
C ASP B 36 16.14 26.35 25.10
N GLU B 37 15.35 25.99 26.11
CA GLU B 37 15.85 25.97 27.48
C GLU B 37 16.98 24.96 27.55
N LEU B 38 17.00 24.04 26.60
CA LEU B 38 18.06 23.03 26.55
C LEU B 38 19.07 23.46 25.50
N GLY B 39 18.76 24.54 24.79
CA GLY B 39 19.65 25.04 23.77
C GLY B 39 19.97 24.04 22.69
N VAL B 40 18.95 23.33 22.21
CA VAL B 40 19.14 22.32 21.16
C VAL B 40 18.92 22.88 19.76
N GLU B 41 19.75 22.46 18.81
CA GLU B 41 19.61 22.92 17.44
C GLU B 41 18.63 22.00 16.70
N TYR B 42 17.47 22.55 16.37
CA TYR B 42 16.42 21.79 15.69
C TYR B 42 15.76 22.54 14.53
N VAL B 43 14.86 21.85 13.85
CA VAL B 43 14.12 22.44 12.74
C VAL B 43 12.80 21.71 12.52
N PHE B 44 11.70 22.47 12.54
CA PHE B 44 10.38 21.89 12.31
C PHE B 44 10.20 21.63 10.81
N VAL B 45 9.78 20.42 10.46
CA VAL B 45 9.56 20.06 9.07
C VAL B 45 8.24 19.30 8.99
N GLY B 46 7.87 18.85 7.79
CA GLY B 46 6.57 18.24 7.60
C GLY B 46 5.42 19.18 7.34
N SER B 47 4.26 18.60 7.04
CA SER B 47 3.07 19.38 6.74
C SER B 47 2.66 20.36 7.84
N TYR B 48 3.07 20.13 9.07
CA TYR B 48 2.69 21.06 10.11
C TYR B 48 3.50 22.34 9.95
N ALA B 49 4.81 22.17 9.78
CA ALA B 49 5.71 23.30 9.61
C ALA B 49 5.29 24.16 8.44
N ARG B 50 4.66 23.54 7.45
CA ARG B 50 4.24 24.23 6.24
C ARG B 50 2.74 24.41 6.12
N ASN B 51 2.03 24.32 7.24
CA ASN B 51 0.57 24.48 7.26
C ASN B 51 -0.24 23.77 6.18
N THR B 52 0.17 22.56 5.82
CA THR B 52 -0.42 21.83 4.72
C THR B 52 -1.06 20.53 5.22
N TRP B 53 -0.94 20.28 6.52
CA TRP B 53 -1.49 19.07 7.11
C TRP B 53 -3.02 19.02 6.98
N LEU B 54 -3.53 17.82 6.73
CA LEU B 54 -4.95 17.59 6.57
C LEU B 54 -5.67 17.62 7.91
N LYS B 55 -6.92 18.07 7.89
CA LYS B 55 -7.73 18.14 9.10
C LYS B 55 -7.76 16.80 9.84
N GLY B 56 -7.55 16.86 11.15
CA GLY B 56 -7.57 15.64 11.96
C GLY B 56 -6.28 14.85 11.94
N SER B 57 -5.25 15.37 11.27
CA SER B 57 -3.96 14.69 11.21
C SER B 57 -2.86 15.56 11.80
N LEU B 58 -3.18 16.29 12.85
CA LEU B 58 -2.20 17.17 13.48
C LEU B 58 -1.07 16.39 14.14
N GLU B 59 0.14 16.58 13.62
CA GLU B 59 1.32 15.93 14.16
C GLU B 59 2.49 16.87 13.86
N ILE B 60 3.35 17.09 14.85
CA ILE B 60 4.50 17.96 14.68
C ILE B 60 5.78 17.16 14.51
N ASP B 61 6.58 17.54 13.52
CA ASP B 61 7.84 16.86 13.28
C ASP B 61 8.99 17.79 13.60
N VAL B 62 9.89 17.33 14.48
CA VAL B 62 11.05 18.10 14.88
C VAL B 62 12.29 17.30 14.61
N PHE B 63 13.09 17.74 13.64
CA PHE B 63 14.33 17.04 13.33
C PHE B 63 15.50 17.69 14.07
N LEU B 64 16.30 16.88 14.75
CA LEU B 64 17.45 17.38 15.47
C LEU B 64 18.66 17.36 14.55
N LEU B 65 19.28 18.52 14.38
CA LEU B 65 20.46 18.64 13.50
C LEU B 65 21.76 18.34 14.25
N PHE B 66 22.43 17.27 13.84
CA PHE B 66 23.69 16.86 14.45
C PHE B 66 24.85 17.03 13.51
N PRO B 67 26.03 17.35 14.07
CA PRO B 67 27.23 17.55 13.26
C PRO B 67 27.55 16.34 12.39
N GLU B 68 27.89 16.62 11.14
CA GLU B 68 28.23 15.61 10.16
C GLU B 68 29.17 14.52 10.67
N GLU B 69 29.90 14.81 11.75
CA GLU B 69 30.87 13.85 12.28
C GLU B 69 30.44 12.88 13.39
N PHE B 70 29.31 13.14 14.03
CA PHE B 70 28.86 12.24 15.09
C PHE B 70 28.61 10.83 14.55
N SER B 71 28.76 9.85 15.43
CA SER B 71 28.55 8.45 15.10
C SER B 71 27.03 8.23 15.10
N LYS B 72 26.58 7.19 14.40
CA LYS B 72 25.15 6.92 14.33
C LYS B 72 24.57 6.70 15.74
N GLU B 73 25.39 6.17 16.65
CA GLU B 73 24.96 5.93 18.02
C GLU B 73 24.78 7.21 18.82
N GLU B 74 25.65 8.19 18.61
CA GLU B 74 25.52 9.45 19.34
C GLU B 74 24.14 10.03 19.07
N LEU B 75 23.78 10.09 17.79
CA LEU B 75 22.48 10.64 17.38
C LEU B 75 21.33 9.95 18.09
N ARG B 76 21.34 8.62 18.11
CA ARG B 76 20.26 7.88 18.76
C ARG B 76 20.25 8.15 20.27
N GLU B 77 21.41 8.00 20.91
CA GLU B 77 21.50 8.24 22.35
C GLU B 77 21.09 9.67 22.71
N ARG B 78 21.73 10.64 22.07
CA ARG B 78 21.43 12.04 22.32
C ARG B 78 19.98 12.37 21.92
N GLY B 79 19.54 11.79 20.81
CA GLY B 79 18.19 12.03 20.34
C GLY B 79 17.16 11.57 21.36
N LEU B 80 17.43 10.40 21.94
CA LEU B 80 16.54 9.82 22.93
C LEU B 80 16.53 10.65 24.22
N GLU B 81 17.65 11.25 24.56
CA GLU B 81 17.74 12.06 25.79
C GLU B 81 16.87 13.30 25.64
N ILE B 82 16.95 13.95 24.48
CA ILE B 82 16.18 15.15 24.22
C ILE B 82 14.68 14.90 24.12
N GLY B 83 14.29 13.92 23.32
CA GLY B 83 12.88 13.62 23.18
C GLY B 83 12.32 13.29 24.54
N LYS B 84 13.13 12.57 25.32
CA LYS B 84 12.77 12.14 26.68
C LYS B 84 12.67 13.24 27.75
N ALA B 85 13.47 14.28 27.59
CA ALA B 85 13.39 15.47 28.42
C ALA B 85 12.35 16.49 27.95
N VAL B 86 12.06 16.50 26.66
CA VAL B 86 11.13 17.49 26.13
C VAL B 86 9.66 17.11 25.95
N LEU B 87 9.36 15.80 25.94
CA LEU B 87 7.99 15.36 25.74
C LEU B 87 7.21 15.04 27.01
N ASP B 88 5.92 15.38 27.02
CA ASP B 88 5.04 15.10 28.14
C ASP B 88 4.98 13.57 28.34
N SER B 89 4.99 12.83 27.24
CA SER B 89 4.94 11.37 27.25
C SER B 89 5.73 10.90 26.04
N TYR B 90 6.50 9.84 26.17
CA TYR B 90 7.25 9.38 24.99
C TYR B 90 7.06 7.90 24.69
N GLU B 91 7.74 7.43 23.64
CA GLU B 91 7.62 6.05 23.20
C GLU B 91 8.60 5.84 22.06
N ILE B 92 9.73 5.20 22.33
CA ILE B 92 10.70 4.97 21.27
C ILE B 92 10.02 4.30 20.08
N ARG B 93 10.42 4.71 18.88
CA ARG B 93 9.86 4.17 17.65
C ARG B 93 11.01 3.71 16.77
N TYR B 94 10.72 2.88 15.78
CA TYR B 94 11.80 2.41 14.90
C TYR B 94 11.49 2.59 13.43
N ALA B 95 12.52 2.43 12.62
CA ALA B 95 12.42 2.56 11.17
C ALA B 95 13.90 2.48 10.74
N GLU B 96 14.25 3.12 9.63
CA GLU B 96 15.60 3.10 9.13
C GLU B 96 16.57 3.20 10.34
N HIS B 97 16.22 4.10 11.26
CA HIS B 97 16.96 4.33 12.49
C HIS B 97 15.90 4.60 13.55
N PRO B 98 16.24 4.39 14.83
CA PRO B 98 15.24 4.65 15.87
C PRO B 98 15.05 6.13 16.15
N TYR B 99 13.92 6.50 16.73
CA TYR B 99 13.62 7.88 17.06
C TYR B 99 12.58 7.90 18.16
N VAL B 100 12.13 9.08 18.58
CA VAL B 100 11.16 9.13 19.66
C VAL B 100 9.87 9.86 19.29
N HIS B 101 8.74 9.22 19.57
CA HIS B 101 7.44 9.83 19.29
C HIS B 101 6.89 10.18 20.66
N GLY B 102 5.91 11.08 20.70
CA GLY B 102 5.35 11.45 21.99
C GLY B 102 4.27 12.52 21.89
N VAL B 103 3.95 13.13 23.02
CA VAL B 103 2.92 14.18 23.07
C VAL B 103 3.43 15.46 23.75
N VAL B 104 2.72 16.56 23.50
CA VAL B 104 3.02 17.86 24.06
C VAL B 104 1.72 18.66 24.02
N LYS B 105 1.25 19.12 25.18
CA LYS B 105 0.01 19.86 25.26
C LYS B 105 -1.09 19.22 24.40
N GLY B 106 -1.13 17.90 24.42
CA GLY B 106 -2.14 17.17 23.67
C GLY B 106 -1.93 16.89 22.19
N VAL B 107 -0.76 17.18 21.63
CA VAL B 107 -0.56 16.92 20.21
C VAL B 107 0.64 16.02 19.91
N GLU B 108 0.42 15.10 18.99
CA GLU B 108 1.43 14.12 18.57
C GLU B 108 2.71 14.76 18.07
N VAL B 109 3.84 14.31 18.58
CA VAL B 109 5.11 14.86 18.17
C VAL B 109 6.15 13.79 17.83
N ASP B 110 6.93 14.05 16.79
CA ASP B 110 7.99 13.13 16.38
C ASP B 110 9.32 13.86 16.54
N VAL B 111 10.21 13.33 17.37
CA VAL B 111 11.51 13.92 17.60
C VAL B 111 12.52 13.03 16.90
N VAL B 112 12.94 13.46 15.72
CA VAL B 112 13.86 12.70 14.88
C VAL B 112 15.27 13.25 14.78
N PRO B 113 16.27 12.41 15.06
CA PRO B 113 17.67 12.85 14.97
C PRO B 113 18.22 12.63 13.56
N CYS B 114 18.86 13.65 13.00
CA CYS B 114 19.45 13.52 11.67
C CYS B 114 20.70 14.36 11.61
N TYR B 115 21.48 14.18 10.55
CA TYR B 115 22.71 14.93 10.38
C TYR B 115 22.47 16.26 9.69
N LYS B 116 23.03 17.33 10.24
CA LYS B 116 22.91 18.64 9.63
C LYS B 116 24.00 18.71 8.55
N LEU B 117 23.61 18.77 7.28
CA LEU B 117 24.58 18.83 6.20
C LEU B 117 24.12 19.82 5.15
N LYS B 118 25.01 20.15 4.23
CA LYS B 118 24.64 21.02 3.13
C LYS B 118 24.97 20.25 1.86
N GLU B 119 24.07 20.32 0.88
CA GLU B 119 24.21 19.62 -0.38
C GLU B 119 23.71 18.19 -0.20
N PRO B 120 22.61 17.84 -0.88
CA PRO B 120 21.98 16.52 -0.83
C PRO B 120 23.00 15.38 -0.87
N LYS B 121 24.17 15.67 -1.42
CA LYS B 121 25.21 14.66 -1.53
C LYS B 121 25.59 14.32 -0.09
N ASN B 122 26.25 13.19 0.11
CA ASN B 122 26.68 12.77 1.45
C ASN B 122 25.56 12.39 2.42
N ILE B 123 24.32 12.30 1.92
CA ILE B 123 23.21 11.74 2.70
C ILE B 123 23.43 10.27 3.07
N LYS B 124 23.44 10.01 4.38
CA LYS B 124 23.66 8.67 4.91
C LYS B 124 22.37 7.87 5.05
N SER B 125 21.26 8.58 5.24
CA SER B 125 19.96 7.96 5.40
C SER B 125 18.84 8.89 4.94
N ALA B 126 17.68 8.31 4.64
CA ALA B 126 16.52 9.08 4.20
C ALA B 126 16.23 10.25 5.11
N VAL B 127 16.27 10.03 6.42
CA VAL B 127 16.00 11.10 7.38
C VAL B 127 16.84 12.35 7.15
N ASP B 128 18.00 12.20 6.51
CA ASP B 128 18.85 13.35 6.24
C ASP B 128 18.31 14.17 5.07
N ARG B 129 17.64 13.50 4.14
CA ARG B 129 17.08 14.13 2.96
C ARG B 129 15.85 14.97 3.32
N THR B 130 15.19 14.60 4.39
CA THR B 130 13.98 15.30 4.81
C THR B 130 14.16 16.81 4.97
N PRO B 131 15.27 17.25 5.57
CA PRO B 131 15.48 18.69 5.73
C PRO B 131 15.55 19.43 4.39
N PHE B 132 16.15 18.81 3.38
CA PHE B 132 16.24 19.43 2.07
C PHE B 132 14.87 19.47 1.41
N HIS B 133 14.11 18.40 1.58
CA HIS B 133 12.77 18.36 1.02
C HIS B 133 12.00 19.54 1.59
N HIS B 134 12.16 19.78 2.88
CA HIS B 134 11.46 20.87 3.51
C HIS B 134 11.91 22.22 2.95
N LYS B 135 13.21 22.43 2.85
CA LYS B 135 13.72 23.70 2.33
C LYS B 135 13.30 24.01 0.91
N TRP B 136 13.19 22.97 0.08
CA TRP B 136 12.77 23.16 -1.29
C TRP B 136 11.31 23.55 -1.40
N LEU B 137 10.53 23.00 -0.49
CA LEU B 137 9.10 23.21 -0.44
C LEU B 137 8.61 24.45 0.30
N GLU B 138 9.35 24.88 1.33
CA GLU B 138 8.88 25.99 2.14
C GLU B 138 8.62 27.32 1.43
N GLY B 139 9.49 27.72 0.52
CA GLY B 139 9.24 28.97 -0.17
C GLY B 139 8.37 28.82 -1.40
N ARG B 140 8.27 27.62 -1.93
CA ARG B 140 7.49 27.40 -3.14
C ARG B 140 6.02 27.02 -2.98
N ILE B 141 5.65 26.42 -1.85
CA ILE B 141 4.27 25.99 -1.62
C ILE B 141 3.48 27.02 -0.81
N LYS B 142 4.18 28.03 -0.32
CA LYS B 142 3.54 29.08 0.45
C LYS B 142 2.38 29.61 -0.41
N GLY B 143 1.19 29.73 0.19
CA GLY B 143 0.04 30.21 -0.55
C GLY B 143 -0.84 29.14 -1.18
N LYS B 144 -0.30 27.95 -1.35
CA LYS B 144 -1.07 26.88 -1.97
C LYS B 144 -1.39 25.76 -1.01
N GLU B 145 -1.23 26.04 0.28
CA GLU B 145 -1.48 25.05 1.32
C GLU B 145 -2.85 24.38 1.22
N ASN B 146 -3.88 25.13 0.88
CA ASN B 146 -5.21 24.54 0.80
C ASN B 146 -5.38 23.70 -0.44
N GLU B 147 -4.57 23.98 -1.45
CA GLU B 147 -4.62 23.20 -2.67
C GLU B 147 -4.08 21.82 -2.28
N VAL B 148 -3.01 21.82 -1.48
CA VAL B 148 -2.42 20.58 -1.01
C VAL B 148 -3.46 19.79 -0.19
N ARG B 149 -4.20 20.49 0.67
CA ARG B 149 -5.21 19.85 1.49
C ARG B 149 -6.35 19.26 0.68
N LEU B 150 -6.80 19.95 -0.36
CA LEU B 150 -7.85 19.41 -1.19
C LEU B 150 -7.36 18.12 -1.85
N LEU B 151 -6.12 18.13 -2.34
CA LEU B 151 -5.53 16.96 -2.99
C LEU B 151 -5.43 15.81 -1.99
N LYS B 152 -4.95 16.10 -0.79
CA LYS B 152 -4.82 15.09 0.24
C LYS B 152 -6.18 14.54 0.61
N GLY B 153 -7.15 15.43 0.81
CA GLY B 153 -8.48 14.99 1.18
C GLY B 153 -9.11 14.07 0.14
N PHE B 154 -8.90 14.43 -1.12
CA PHE B 154 -9.42 13.69 -2.26
C PHE B 154 -8.86 12.26 -2.26
N LEU B 155 -7.53 12.15 -2.16
CA LEU B 155 -6.86 10.85 -2.16
C LEU B 155 -7.24 10.00 -0.94
N LYS B 156 -7.25 10.62 0.24
CA LYS B 156 -7.62 9.94 1.47
C LYS B 156 -9.03 9.35 1.32
N ALA B 157 -9.98 10.18 0.93
CA ALA B 157 -11.37 9.73 0.78
C ALA B 157 -11.50 8.55 -0.18
N ASN B 158 -10.53 8.38 -1.08
CA ASN B 158 -10.60 7.29 -2.05
C ASN B 158 -9.60 6.19 -1.80
N GLY B 159 -9.14 6.08 -0.56
CA GLY B 159 -8.21 5.03 -0.16
C GLY B 159 -6.85 4.94 -0.81
N ILE B 160 -6.33 6.05 -1.31
CA ILE B 160 -5.02 6.03 -1.94
C ILE B 160 -4.08 7.16 -1.47
N TYR B 161 -4.31 7.69 -0.27
CA TYR B 161 -3.48 8.79 0.19
C TYR B 161 -2.06 8.56 0.69
N GLY B 162 -1.78 7.51 1.44
CA GLY B 162 -0.39 7.36 1.90
C GLY B 162 0.52 6.51 1.03
N ALA B 163 1.82 6.60 1.24
CA ALA B 163 2.75 5.80 0.44
C ALA B 163 3.22 4.50 1.14
N GLU B 164 2.72 4.22 2.34
CA GLU B 164 3.14 3.00 3.02
C GLU B 164 2.49 1.78 2.37
N TYR B 165 3.12 0.62 2.52
CA TYR B 165 2.61 -0.59 1.89
C TYR B 165 1.15 -0.98 2.05
N LYS B 166 0.54 -0.63 3.15
CA LYS B 166 -0.86 -0.97 3.31
C LYS B 166 -1.70 -0.20 2.30
N VAL B 167 -1.12 0.85 1.72
CA VAL B 167 -1.83 1.70 0.76
C VAL B 167 -1.21 1.80 -0.62
N ARG B 168 0.11 1.98 -0.68
CA ARG B 168 0.78 2.11 -1.97
C ARG B 168 0.19 3.30 -2.77
N GLY B 169 -0.13 4.37 -2.05
CA GLY B 169 -0.70 5.54 -2.68
C GLY B 169 0.32 6.65 -2.87
N PHE B 170 -0.16 7.90 -2.75
CA PHE B 170 0.66 9.11 -2.93
C PHE B 170 1.14 9.80 -1.68
N SER B 171 2.44 9.86 -1.41
CA SER B 171 2.88 10.38 -0.12
C SER B 171 2.50 11.85 0.01
N GLY B 172 2.61 12.39 1.21
CA GLY B 172 2.29 13.79 1.41
C GLY B 172 3.22 14.64 0.57
N TYR B 173 4.51 14.31 0.62
CA TYR B 173 5.53 15.02 -0.14
C TYR B 173 5.16 15.08 -1.62
N LEU B 174 4.81 13.93 -2.17
CA LEU B 174 4.42 13.84 -3.56
C LEU B 174 3.30 14.83 -3.87
N CYS B 175 2.32 14.91 -2.98
CA CYS B 175 1.19 15.83 -3.15
C CYS B 175 1.64 17.28 -3.31
N GLU B 176 2.58 17.71 -2.48
CA GLU B 176 3.05 19.07 -2.56
C GLU B 176 3.83 19.35 -3.84
N LEU B 177 4.65 18.39 -4.27
CA LEU B 177 5.39 18.57 -5.51
C LEU B 177 4.41 18.73 -6.67
N LEU B 178 3.29 18.00 -6.62
CA LEU B 178 2.28 18.07 -7.67
C LEU B 178 1.58 19.41 -7.69
N ILE B 179 1.34 19.99 -6.51
CA ILE B 179 0.69 21.30 -6.43
C ILE B 179 1.68 22.35 -6.95
N VAL B 180 2.94 22.21 -6.55
CA VAL B 180 3.95 23.14 -7.01
C VAL B 180 4.02 23.08 -8.54
N PHE B 181 3.92 21.86 -9.08
CA PHE B 181 4.00 21.66 -10.52
C PHE B 181 2.80 22.20 -11.32
N TYR B 182 1.60 21.87 -10.87
CA TYR B 182 0.41 22.32 -11.58
C TYR B 182 -0.20 23.60 -11.04
N GLY B 183 0.15 23.97 -9.81
CA GLY B 183 -0.35 25.22 -9.25
C GLY B 183 -1.60 25.16 -8.41
N SER B 184 -2.37 24.09 -8.55
CA SER B 184 -3.59 23.93 -7.77
C SER B 184 -4.16 22.53 -7.90
N PHE B 185 -5.09 22.20 -7.01
CA PHE B 185 -5.74 20.90 -7.02
C PHE B 185 -6.42 20.65 -8.38
N LEU B 186 -7.16 21.64 -8.86
CA LEU B 186 -7.84 21.50 -10.13
C LEU B 186 -6.89 21.21 -11.30
N GLU B 187 -5.87 22.05 -11.49
CA GLU B 187 -4.93 21.81 -12.58
C GLU B 187 -4.30 20.44 -12.49
N THR B 188 -4.03 19.97 -11.28
CA THR B 188 -3.44 18.66 -11.06
C THR B 188 -4.41 17.59 -11.54
N VAL B 189 -5.67 17.71 -11.13
CA VAL B 189 -6.71 16.78 -11.51
C VAL B 189 -7.00 16.84 -13.00
N LYS B 190 -7.01 18.06 -13.56
CA LYS B 190 -7.27 18.20 -14.99
C LYS B 190 -6.20 17.48 -15.82
N ASN B 191 -4.94 17.72 -15.50
CA ASN B 191 -3.84 17.10 -16.25
C ASN B 191 -3.60 15.63 -15.94
N ALA B 192 -3.88 15.21 -14.70
CA ALA B 192 -3.69 13.80 -14.34
C ALA B 192 -4.53 12.88 -15.23
N ARG B 193 -5.58 13.43 -15.83
CA ARG B 193 -6.45 12.65 -16.71
C ARG B 193 -5.72 12.17 -17.95
N ARG B 194 -4.55 12.75 -18.21
CA ARG B 194 -3.72 12.42 -19.37
C ARG B 194 -2.46 11.65 -18.94
N TRP B 195 -2.35 11.35 -17.65
CA TRP B 195 -1.21 10.60 -17.15
C TRP B 195 -1.27 9.17 -17.70
N THR B 196 -0.10 8.57 -17.89
CA THR B 196 -0.02 7.20 -18.38
C THR B 196 0.97 6.50 -17.47
N ARG B 197 1.12 5.19 -17.67
CA ARG B 197 2.04 4.43 -16.86
C ARG B 197 3.47 4.71 -17.30
N ARG B 198 3.63 5.60 -18.28
CA ARG B 198 4.95 5.94 -18.80
C ARG B 198 5.31 7.41 -18.53
N THR B 199 4.42 8.10 -17.84
CA THR B 199 4.60 9.51 -17.54
C THR B 199 5.71 9.82 -16.55
N VAL B 200 6.48 10.86 -16.86
CA VAL B 200 7.56 11.29 -16.01
C VAL B 200 7.38 12.78 -15.74
N ILE B 201 7.27 13.13 -14.47
CA ILE B 201 7.10 14.50 -14.07
C ILE B 201 8.37 14.94 -13.35
N ASP B 202 9.07 15.88 -13.95
CA ASP B 202 10.32 16.40 -13.41
C ASP B 202 10.03 17.81 -12.91
N VAL B 203 9.82 17.94 -11.61
CA VAL B 203 9.51 19.23 -10.99
C VAL B 203 10.53 20.34 -11.22
N ALA B 204 11.79 20.04 -10.93
CA ALA B 204 12.87 21.00 -11.08
C ALA B 204 13.07 21.49 -12.52
N LYS B 205 12.70 20.66 -13.49
CA LYS B 205 12.84 21.08 -14.87
C LYS B 205 11.51 21.59 -15.43
N GLY B 206 10.46 21.56 -14.61
CA GLY B 206 9.17 22.02 -15.07
C GLY B 206 8.78 21.32 -16.37
N GLU B 207 9.06 20.02 -16.43
CA GLU B 207 8.80 19.25 -17.63
C GLU B 207 8.08 17.92 -17.39
N VAL B 208 7.40 17.46 -18.41
CA VAL B 208 6.70 16.19 -18.37
C VAL B 208 7.18 15.43 -19.62
N ARG B 209 7.61 14.19 -19.43
CA ARG B 209 8.05 13.40 -20.56
C ARG B 209 7.64 11.94 -20.47
N LYS B 210 7.96 11.18 -21.49
CA LYS B 210 7.61 9.78 -21.54
C LYS B 210 8.84 9.01 -21.11
N GLY B 211 8.70 8.14 -20.12
CA GLY B 211 9.82 7.35 -19.64
C GLY B 211 9.48 5.87 -19.70
N GLU B 212 10.07 5.08 -18.81
CA GLU B 212 9.81 3.65 -18.79
C GLU B 212 8.82 3.25 -17.69
N GLU B 213 8.48 4.21 -16.82
CA GLU B 213 7.56 3.98 -15.71
C GLU B 213 7.05 5.32 -15.17
N PHE B 214 6.02 5.28 -14.32
CA PHE B 214 5.52 6.53 -13.76
C PHE B 214 6.64 7.00 -12.84
N PHE B 215 7.13 8.21 -13.08
CA PHE B 215 8.24 8.71 -12.30
C PHE B 215 8.16 10.21 -12.02
N VAL B 216 8.20 10.54 -10.74
CA VAL B 216 8.16 11.93 -10.29
C VAL B 216 9.55 12.15 -9.68
N VAL B 217 10.44 12.80 -10.42
CA VAL B 217 11.79 13.00 -9.92
C VAL B 217 11.86 13.99 -8.79
N ASP B 218 12.63 13.62 -7.77
CA ASP B 218 12.82 14.44 -6.59
C ASP B 218 13.67 15.66 -6.96
N PRO B 219 13.21 16.87 -6.59
CA PRO B 219 13.94 18.11 -6.88
C PRO B 219 15.29 18.08 -6.18
N VAL B 220 15.34 17.34 -5.08
CA VAL B 220 16.55 17.24 -4.28
C VAL B 220 17.49 16.15 -4.77
N ASP B 221 16.98 15.23 -5.59
CA ASP B 221 17.81 14.14 -6.10
C ASP B 221 16.98 13.84 -7.35
N GLU B 222 17.64 13.92 -8.50
CA GLU B 222 17.09 13.48 -9.78
C GLU B 222 16.92 11.97 -9.88
N LYS B 223 17.70 11.21 -9.14
CA LYS B 223 17.71 9.76 -9.32
C LYS B 223 16.59 9.07 -8.56
N ARG B 224 16.00 9.80 -7.64
CA ARG B 224 14.94 9.31 -6.79
C ARG B 224 13.54 9.53 -7.39
N ASN B 225 12.70 8.51 -7.30
CA ASN B 225 11.31 8.62 -7.78
C ASN B 225 10.43 8.81 -6.55
N VAL B 226 9.82 9.98 -6.43
CA VAL B 226 8.97 10.25 -5.28
C VAL B 226 7.73 9.36 -5.27
N ALA B 227 7.24 9.00 -6.46
CA ALA B 227 6.05 8.17 -6.58
C ALA B 227 6.44 6.70 -6.70
N ALA B 228 7.66 6.39 -6.28
CA ALA B 228 8.18 5.04 -6.36
C ALA B 228 7.22 3.96 -5.86
N ASN B 229 6.58 4.19 -4.71
CA ASN B 229 5.68 3.18 -4.17
C ASN B 229 4.18 3.31 -4.49
N LEU B 230 3.84 4.12 -5.48
CA LEU B 230 2.45 4.27 -5.90
C LEU B 230 2.25 3.08 -6.83
N SER B 231 1.33 2.18 -6.49
CA SER B 231 1.11 1.01 -7.33
C SER B 231 0.53 1.36 -8.70
N LEU B 232 0.77 0.48 -9.66
CA LEU B 232 0.26 0.69 -10.99
C LEU B 232 -1.25 0.86 -10.98
N ASP B 233 -1.95 -0.06 -10.30
CA ASP B 233 -3.40 0.03 -10.24
C ASP B 233 -3.91 1.25 -9.49
N ASN B 234 -3.16 1.71 -8.50
CA ASN B 234 -3.57 2.88 -7.75
C ASN B 234 -3.39 4.12 -8.60
N LEU B 235 -2.39 4.08 -9.48
CA LEU B 235 -2.16 5.19 -10.39
C LEU B 235 -3.39 5.24 -11.28
N ALA B 236 -3.76 4.09 -11.81
CA ALA B 236 -4.93 4.00 -12.69
C ALA B 236 -6.19 4.49 -12.01
N ARG B 237 -6.43 4.05 -10.79
CA ARG B 237 -7.63 4.48 -10.09
C ARG B 237 -7.68 6.00 -9.98
N PHE B 238 -6.54 6.61 -9.74
CA PHE B 238 -6.47 8.06 -9.62
C PHE B 238 -6.84 8.73 -10.94
N VAL B 239 -6.22 8.27 -12.01
CA VAL B 239 -6.47 8.83 -13.32
C VAL B 239 -7.95 8.74 -13.65
N HIS B 240 -8.53 7.58 -13.37
CA HIS B 240 -9.94 7.37 -13.65
C HIS B 240 -10.77 8.30 -12.77
N LEU B 241 -10.39 8.39 -11.50
CA LEU B 241 -11.10 9.25 -10.57
C LEU B 241 -11.13 10.71 -11.01
N CYS B 242 -10.03 11.17 -11.59
CA CYS B 242 -9.97 12.56 -12.03
C CYS B 242 -10.91 12.76 -13.21
N ARG B 243 -10.89 11.83 -14.16
CA ARG B 243 -11.80 11.97 -15.31
C ARG B 243 -13.23 12.07 -14.82
N GLU B 244 -13.62 11.18 -13.92
CA GLU B 244 -14.96 11.17 -13.37
C GLU B 244 -15.31 12.44 -12.61
N PHE B 245 -14.36 12.97 -11.87
CA PHE B 245 -14.63 14.17 -11.10
C PHE B 245 -14.89 15.37 -12.01
N MET B 246 -14.08 15.52 -13.04
CA MET B 246 -14.24 16.63 -13.95
C MET B 246 -15.50 16.49 -14.79
N GLU B 247 -15.98 15.27 -14.94
CA GLU B 247 -17.18 15.02 -15.74
C GLU B 247 -18.45 15.19 -14.91
N ALA B 248 -18.30 15.24 -13.59
CA ALA B 248 -19.46 15.39 -12.71
C ALA B 248 -19.01 15.70 -11.28
N PRO B 249 -18.45 16.90 -11.06
CA PRO B 249 -17.98 17.31 -9.74
C PRO B 249 -19.01 17.02 -8.64
N SER B 250 -18.53 16.52 -7.51
CA SER B 250 -19.39 16.19 -6.39
C SER B 250 -18.61 16.18 -5.08
N LEU B 251 -19.22 16.70 -4.03
CA LEU B 251 -18.57 16.74 -2.74
C LEU B 251 -18.32 15.31 -2.25
N GLY B 252 -18.95 14.36 -2.93
CA GLY B 252 -18.80 12.95 -2.56
C GLY B 252 -17.37 12.45 -2.66
N PHE B 253 -16.63 12.98 -3.62
CA PHE B 253 -15.24 12.59 -3.82
C PHE B 253 -14.35 12.93 -2.63
N PHE B 254 -14.87 13.68 -1.66
CA PHE B 254 -14.06 14.03 -0.51
C PHE B 254 -14.58 13.42 0.79
N LYS B 255 -15.70 12.71 0.70
CA LYS B 255 -16.28 12.08 1.87
C LYS B 255 -16.00 10.59 1.84
N PRO B 256 -15.35 10.06 2.88
CA PRO B 256 -15.04 8.63 2.95
C PRO B 256 -16.32 7.86 2.69
N LYS B 257 -16.22 6.77 1.94
CA LYS B 257 -17.40 5.98 1.63
C LYS B 257 -17.75 5.08 2.83
N HIS B 258 -19.04 4.92 3.07
CA HIS B 258 -19.52 4.09 4.18
C HIS B 258 -19.16 2.63 3.92
N PRO B 259 -18.63 1.94 4.94
CA PRO B 259 -18.23 0.52 4.82
C PRO B 259 -19.28 -0.33 4.10
N LEU B 260 -20.52 0.16 4.08
CA LEU B 260 -21.62 -0.54 3.44
C LEU B 260 -21.58 -2.02 3.77
N GLU B 261 -21.82 -2.34 5.04
CA GLU B 261 -21.83 -3.71 5.50
C GLU B 261 -23.01 -4.44 4.89
N ILE B 262 -22.80 -5.71 4.56
CA ILE B 262 -23.82 -6.53 3.94
C ILE B 262 -24.20 -7.71 4.81
N GLU B 263 -25.42 -8.22 4.62
CA GLU B 263 -25.85 -9.36 5.40
C GLU B 263 -25.28 -10.62 4.77
N PRO B 264 -24.65 -11.48 5.59
CA PRO B 264 -24.06 -12.71 5.05
C PRO B 264 -25.02 -13.52 4.19
N GLU B 265 -26.29 -13.56 4.57
CA GLU B 265 -27.26 -14.32 3.81
C GLU B 265 -27.28 -13.89 2.34
N ARG B 266 -27.22 -12.59 2.12
CA ARG B 266 -27.25 -12.07 0.76
C ARG B 266 -25.96 -12.49 0.04
N LEU B 267 -24.83 -12.47 0.76
CA LEU B 267 -23.56 -12.85 0.20
C LEU B 267 -23.58 -14.31 -0.23
N ARG B 268 -24.22 -15.16 0.56
CA ARG B 268 -24.33 -16.57 0.26
C ARG B 268 -25.04 -16.75 -1.07
N LYS B 269 -26.15 -16.04 -1.24
CA LYS B 269 -26.92 -16.12 -2.48
C LYS B 269 -26.13 -15.67 -3.71
N ILE B 270 -25.41 -14.57 -3.58
CA ILE B 270 -24.62 -14.06 -4.69
C ILE B 270 -23.56 -15.07 -5.11
N VAL B 271 -22.89 -15.68 -4.13
CA VAL B 271 -21.86 -16.67 -4.43
C VAL B 271 -22.53 -17.88 -5.10
N GLU B 272 -23.77 -18.11 -4.76
CA GLU B 272 -24.53 -19.22 -5.32
C GLU B 272 -24.80 -18.90 -6.79
N GLU B 273 -25.22 -17.67 -7.05
CA GLU B 273 -25.52 -17.18 -8.40
C GLU B 273 -24.29 -17.26 -9.29
N ARG B 274 -23.13 -16.92 -8.72
CA ARG B 274 -21.87 -16.95 -9.45
C ARG B 274 -21.42 -18.37 -9.74
N GLY B 275 -21.83 -19.30 -8.88
CA GLY B 275 -21.49 -20.70 -9.05
C GLY B 275 -20.01 -20.98 -8.95
N THR B 276 -19.28 -20.08 -8.29
CA THR B 276 -17.84 -20.24 -8.14
C THR B 276 -17.47 -20.86 -6.82
N ALA B 277 -16.18 -21.14 -6.67
CA ALA B 277 -15.66 -21.69 -5.45
C ALA B 277 -15.01 -20.52 -4.73
N VAL B 278 -15.53 -20.19 -3.56
CA VAL B 278 -14.99 -19.11 -2.78
C VAL B 278 -14.54 -19.69 -1.47
N PHE B 279 -13.34 -19.35 -1.04
CA PHE B 279 -12.79 -19.88 0.19
C PHE B 279 -11.65 -18.99 0.65
N ALA B 280 -11.10 -19.29 1.82
CA ALA B 280 -10.02 -18.49 2.35
C ALA B 280 -9.08 -19.29 3.19
N VAL B 281 -7.82 -18.87 3.17
CA VAL B 281 -6.79 -19.49 3.97
C VAL B 281 -6.70 -18.60 5.20
N LYS B 282 -6.90 -19.18 6.37
CA LYS B 282 -6.85 -18.46 7.62
C LYS B 282 -5.72 -18.98 8.48
N PHE B 283 -4.93 -18.06 9.01
CA PHE B 283 -3.80 -18.39 9.88
C PHE B 283 -3.64 -17.25 10.86
N ARG B 284 -2.70 -17.37 11.79
CA ARG B 284 -2.49 -16.30 12.78
C ARG B 284 -1.53 -15.23 12.29
N LYS B 285 -1.94 -13.97 12.48
CA LYS B 285 -1.13 -12.83 12.06
C LYS B 285 0.19 -12.73 12.84
N PRO B 286 1.32 -12.72 12.13
CA PRO B 286 2.64 -12.61 12.77
C PRO B 286 2.65 -11.26 13.47
N ASP B 287 3.41 -11.14 14.55
CA ASP B 287 3.45 -9.88 15.27
C ASP B 287 4.50 -8.96 14.66
N ILE B 288 4.17 -8.41 13.50
CA ILE B 288 5.06 -7.51 12.80
C ILE B 288 4.26 -6.31 12.38
N VAL B 289 4.94 -5.24 12.00
CA VAL B 289 4.26 -4.02 11.59
C VAL B 289 3.69 -4.15 10.20
N ASP B 290 2.57 -3.49 9.96
CA ASP B 290 1.91 -3.55 8.66
C ASP B 290 2.90 -3.46 7.52
N ASP B 291 3.96 -2.67 7.69
CA ASP B 291 4.94 -2.52 6.64
C ASP B 291 5.67 -3.78 6.23
N ASN B 292 5.79 -4.73 7.15
CA ASN B 292 6.44 -5.99 6.78
C ASN B 292 5.36 -7.01 6.40
N LEU B 293 4.24 -6.96 7.09
CA LEU B 293 3.15 -7.91 6.87
C LEU B 293 2.38 -7.81 5.54
N TYR B 294 1.97 -6.61 5.16
CA TYR B 294 1.21 -6.48 3.92
C TYR B 294 1.94 -6.94 2.68
N PRO B 295 3.24 -6.64 2.55
CA PRO B 295 3.89 -7.14 1.34
C PRO B 295 3.92 -8.68 1.39
N GLN B 296 3.94 -9.22 2.60
CA GLN B 296 3.97 -10.67 2.76
C GLN B 296 2.62 -11.25 2.42
N LEU B 297 1.55 -10.56 2.82
CA LEU B 297 0.21 -11.03 2.50
C LEU B 297 0.05 -11.00 0.97
N GLU B 298 0.65 -10.00 0.33
CA GLU B 298 0.57 -9.89 -1.13
C GLU B 298 1.30 -11.04 -1.82
N ARG B 299 2.50 -11.37 -1.33
CA ARG B 299 3.28 -12.45 -1.92
C ARG B 299 2.55 -13.78 -1.78
N ALA B 300 2.21 -14.13 -0.54
CA ALA B 300 1.52 -15.38 -0.26
C ALA B 300 0.26 -15.52 -1.11
N SER B 301 -0.47 -14.42 -1.20
CA SER B 301 -1.70 -14.40 -1.97
C SER B 301 -1.40 -14.72 -3.43
N ARG B 302 -0.38 -14.10 -3.98
CA ARG B 302 0.01 -14.30 -5.36
C ARG B 302 0.48 -15.73 -5.63
N LYS B 303 1.38 -16.24 -4.80
CA LYS B 303 1.91 -17.58 -5.00
C LYS B 303 0.79 -18.64 -5.05
N ILE B 304 -0.23 -18.47 -4.20
CA ILE B 304 -1.34 -19.39 -4.18
C ILE B 304 -2.20 -19.19 -5.44
N PHE B 305 -2.36 -17.92 -5.84
CA PHE B 305 -3.13 -17.59 -7.04
C PHE B 305 -2.51 -18.28 -8.25
N GLU B 306 -1.19 -18.19 -8.34
CA GLU B 306 -0.43 -18.80 -9.43
C GLU B 306 -0.56 -20.32 -9.40
N PHE B 307 -0.57 -20.88 -8.20
CA PHE B 307 -0.71 -22.31 -8.05
C PHE B 307 -2.09 -22.67 -8.61
N LEU B 308 -3.09 -21.88 -8.25
CA LEU B 308 -4.44 -22.14 -8.71
C LEU B 308 -4.55 -22.04 -10.24
N GLU B 309 -3.84 -21.11 -10.87
CA GLU B 309 -4.00 -21.06 -12.32
C GLU B 309 -3.27 -22.17 -13.07
N ARG B 310 -2.05 -22.53 -12.66
CA ARG B 310 -1.38 -23.59 -13.38
C ARG B 310 -2.02 -24.94 -13.12
N GLU B 311 -2.69 -25.06 -11.98
CA GLU B 311 -3.38 -26.30 -11.63
C GLU B 311 -4.80 -26.26 -12.22
N ASN B 312 -5.02 -25.29 -13.10
CA ASN B 312 -6.27 -25.09 -13.82
C ASN B 312 -7.60 -24.91 -13.07
N PHE B 313 -7.59 -24.22 -11.94
CA PHE B 313 -8.84 -24.00 -11.23
C PHE B 313 -9.48 -22.69 -11.65
N MET B 314 -8.82 -22.00 -12.56
CA MET B 314 -9.30 -20.75 -13.11
C MET B 314 -9.67 -19.72 -12.05
N PRO B 315 -8.68 -19.27 -11.26
CA PRO B 315 -8.97 -18.28 -10.22
C PRO B 315 -9.38 -16.97 -10.89
N LEU B 316 -10.36 -16.29 -10.29
CA LEU B 316 -10.84 -15.03 -10.82
C LEU B 316 -10.04 -13.89 -10.23
N ARG B 317 -10.04 -13.78 -8.90
CA ARG B 317 -9.29 -12.75 -8.20
C ARG B 317 -8.92 -13.24 -6.81
N SER B 318 -8.10 -12.46 -6.10
CA SER B 318 -7.72 -12.84 -4.76
C SER B 318 -7.73 -11.57 -3.93
N ALA B 319 -7.74 -11.73 -2.62
CA ALA B 319 -7.73 -10.59 -1.73
C ALA B 319 -7.16 -11.08 -0.41
N PHE B 320 -7.11 -10.20 0.59
CA PHE B 320 -6.57 -10.59 1.88
C PHE B 320 -6.99 -9.60 2.94
N LYS B 321 -7.04 -10.04 4.19
CA LYS B 321 -7.43 -9.15 5.27
C LYS B 321 -6.69 -9.49 6.55
N ALA B 322 -6.33 -8.47 7.31
CA ALA B 322 -5.62 -8.69 8.55
C ALA B 322 -6.50 -8.16 9.68
N SER B 323 -6.62 -8.96 10.74
CA SER B 323 -7.38 -8.59 11.93
C SER B 323 -6.35 -8.57 13.04
N GLU B 324 -6.78 -8.26 14.26
CA GLU B 324 -5.83 -8.23 15.37
C GLU B 324 -5.38 -9.67 15.55
N GLU B 325 -6.35 -10.55 15.41
CA GLU B 325 -6.21 -11.98 15.57
C GLU B 325 -5.67 -12.96 14.52
N PHE B 326 -6.30 -12.95 13.34
CA PHE B 326 -5.80 -13.68 12.19
C PHE B 326 -5.68 -12.90 10.88
N CYS B 327 -5.19 -13.60 9.86
CA CYS B 327 -5.04 -13.05 8.52
C CYS B 327 -5.79 -13.97 7.57
N TYR B 328 -6.39 -13.41 6.53
CA TYR B 328 -7.13 -14.22 5.57
C TYR B 328 -6.67 -13.97 4.16
N LEU B 329 -6.53 -15.05 3.40
CA LEU B 329 -6.15 -14.95 2.00
C LEU B 329 -7.42 -15.43 1.33
N LEU B 330 -8.04 -14.57 0.53
CA LEU B 330 -9.29 -14.95 -0.13
C LEU B 330 -9.13 -15.26 -1.61
N PHE B 331 -9.94 -16.20 -2.09
CA PHE B 331 -9.91 -16.62 -3.47
C PHE B 331 -11.29 -16.96 -4.01
N GLU B 332 -11.44 -16.81 -5.32
CA GLU B 332 -12.67 -17.18 -6.00
C GLU B 332 -12.21 -17.86 -7.29
N CYS B 333 -12.72 -19.07 -7.56
CA CYS B 333 -12.35 -19.83 -8.75
C CYS B 333 -13.58 -20.23 -9.53
N GLN B 334 -13.44 -20.43 -10.84
CA GLN B 334 -14.58 -20.81 -11.66
C GLN B 334 -14.79 -22.32 -11.59
N ILE B 335 -13.76 -23.04 -11.16
CA ILE B 335 -13.85 -24.48 -11.06
C ILE B 335 -13.96 -24.98 -9.63
N LYS B 336 -15.14 -25.49 -9.26
CA LYS B 336 -15.33 -26.04 -7.92
C LYS B 336 -14.70 -27.43 -7.88
N GLU B 337 -14.80 -28.14 -8.99
CA GLU B 337 -14.28 -29.48 -9.08
C GLU B 337 -13.86 -29.82 -10.50
N ILE B 338 -12.70 -30.47 -10.61
CA ILE B 338 -12.17 -30.87 -11.90
C ILE B 338 -11.96 -32.37 -11.87
N SER B 339 -11.93 -33.00 -13.04
CA SER B 339 -11.75 -34.44 -13.12
C SER B 339 -10.41 -34.91 -12.56
N ARG B 340 -10.32 -36.20 -12.27
CA ARG B 340 -9.09 -36.78 -11.75
C ARG B 340 -8.09 -36.89 -12.90
N VAL B 341 -8.57 -37.25 -14.09
CA VAL B 341 -7.68 -37.36 -15.25
C VAL B 341 -7.43 -36.06 -16.00
N PHE B 342 -6.23 -35.96 -16.53
CA PHE B 342 -5.81 -34.82 -17.34
C PHE B 342 -4.82 -35.43 -18.33
N ARG B 343 -4.53 -34.73 -19.42
CA ARG B 343 -3.60 -35.28 -20.39
C ARG B 343 -2.22 -34.64 -20.37
N ARG B 344 -1.20 -35.49 -20.44
CA ARG B 344 0.17 -35.03 -20.44
C ARG B 344 0.77 -35.17 -21.84
N MET B 345 1.31 -34.09 -22.37
CA MET B 345 1.93 -34.09 -23.69
C MET B 345 3.22 -34.91 -23.68
N GLY B 346 3.38 -35.72 -24.71
CA GLY B 346 4.58 -36.54 -24.81
C GLY B 346 5.43 -36.16 -25.99
N PRO B 347 6.46 -36.96 -26.31
CA PRO B 347 7.35 -36.68 -27.45
C PRO B 347 6.71 -36.97 -28.81
N GLN B 348 7.26 -36.37 -29.86
CA GLN B 348 6.76 -36.61 -31.22
C GLN B 348 7.08 -38.05 -31.58
N PHE B 349 6.20 -38.70 -32.33
CA PHE B 349 6.37 -40.11 -32.68
C PHE B 349 7.73 -40.56 -33.23
N GLU B 350 8.40 -39.70 -33.98
CA GLU B 350 9.68 -40.06 -34.56
C GLU B 350 10.80 -40.24 -33.54
N ASP B 351 10.65 -39.64 -32.37
CA ASP B 351 11.66 -39.71 -31.32
C ASP B 351 11.60 -41.03 -30.57
N GLU B 352 12.11 -42.09 -31.19
CA GLU B 352 12.12 -43.43 -30.61
C GLU B 352 12.61 -43.51 -29.16
N ARG B 353 13.75 -42.89 -28.87
CA ARG B 353 14.31 -42.94 -27.52
C ARG B 353 13.32 -42.47 -26.47
N ASN B 354 12.92 -41.21 -26.57
CA ASN B 354 12.01 -40.62 -25.62
C ASN B 354 10.64 -41.25 -25.67
N VAL B 355 10.23 -41.74 -26.83
CA VAL B 355 8.94 -42.39 -26.93
C VAL B 355 9.00 -43.64 -26.05
N LYS B 356 10.07 -44.41 -26.22
CA LYS B 356 10.22 -45.61 -25.43
C LYS B 356 10.26 -45.26 -23.95
N LYS B 357 10.91 -44.15 -23.61
CA LYS B 357 10.97 -43.76 -22.21
C LYS B 357 9.58 -43.36 -21.73
N PHE B 358 8.87 -42.62 -22.56
CA PHE B 358 7.53 -42.16 -22.23
C PHE B 358 6.54 -43.31 -22.03
N LEU B 359 6.73 -44.41 -22.75
CA LEU B 359 5.83 -45.53 -22.62
C LEU B 359 6.22 -46.48 -21.48
N SER B 360 7.45 -46.35 -20.99
CA SER B 360 7.94 -47.21 -19.91
C SER B 360 7.17 -46.95 -18.63
N ARG B 361 6.78 -45.70 -18.42
CA ARG B 361 6.02 -45.33 -17.24
C ARG B 361 4.78 -46.21 -17.14
N ASN B 362 4.55 -46.79 -15.96
CA ASN B 362 3.37 -47.59 -15.80
C ASN B 362 2.26 -46.62 -15.45
N ARG B 363 1.16 -46.69 -16.19
CA ARG B 363 0.03 -45.80 -15.96
C ARG B 363 -1.23 -46.61 -15.97
N ALA B 364 -2.30 -46.02 -15.48
CA ALA B 364 -3.58 -46.69 -15.42
C ALA B 364 -4.27 -46.75 -16.79
N PHE B 365 -4.04 -45.74 -17.64
CA PHE B 365 -4.75 -45.72 -18.90
C PHE B 365 -4.10 -45.70 -20.28
N ARG B 366 -2.91 -46.26 -20.48
CA ARG B 366 -2.44 -46.51 -21.85
C ARG B 366 -2.46 -45.27 -22.76
N PRO B 367 -1.27 -44.73 -23.08
CA PRO B 367 -1.18 -43.55 -23.93
C PRO B 367 -1.58 -43.73 -25.39
N PHE B 368 -1.83 -42.60 -26.05
CA PHE B 368 -2.27 -42.59 -27.44
C PHE B 368 -1.54 -41.56 -28.28
N ILE B 369 -1.74 -41.61 -29.58
CA ILE B 369 -1.15 -40.66 -30.51
C ILE B 369 -2.21 -39.67 -30.99
N GLU B 370 -1.79 -38.43 -31.22
CA GLU B 370 -2.69 -37.37 -31.70
C GLU B 370 -1.83 -36.29 -32.33
N ASN B 371 -2.10 -36.02 -33.61
CA ASN B 371 -1.35 -35.01 -34.37
C ASN B 371 0.15 -35.18 -34.24
N GLY B 372 0.62 -36.38 -34.52
CA GLY B 372 2.06 -36.62 -34.50
C GLY B 372 2.79 -36.87 -33.20
N ARG B 373 2.16 -36.68 -32.05
CA ARG B 373 2.86 -36.96 -30.81
C ARG B 373 2.04 -37.78 -29.85
N TRP B 374 2.73 -38.42 -28.90
CA TRP B 374 2.08 -39.24 -27.91
C TRP B 374 1.58 -38.41 -26.75
N TRP B 375 0.49 -38.88 -26.15
CA TRP B 375 -0.10 -38.23 -24.99
C TRP B 375 -0.46 -39.32 -24.01
N ALA B 376 -0.45 -38.98 -22.72
CA ALA B 376 -0.80 -39.95 -21.70
C ALA B 376 -1.85 -39.34 -20.80
N PHE B 377 -2.72 -40.20 -20.27
CA PHE B 377 -3.74 -39.75 -19.33
C PHE B 377 -3.08 -39.91 -17.98
N GLU B 378 -3.24 -38.92 -17.11
CA GLU B 378 -2.64 -38.98 -15.79
C GLU B 378 -3.74 -38.70 -14.77
N MET B 379 -3.45 -38.95 -13.49
CA MET B 379 -4.41 -38.71 -12.42
C MET B 379 -3.90 -37.67 -11.41
N ARG B 380 -4.78 -36.76 -11.01
CA ARG B 380 -4.45 -35.70 -10.06
C ARG B 380 -4.51 -36.16 -8.60
N LYS B 381 -3.72 -35.53 -7.75
CA LYS B 381 -3.72 -35.84 -6.32
C LYS B 381 -4.86 -35.08 -5.65
N PHE B 382 -5.46 -34.13 -6.37
CA PHE B 382 -6.55 -33.34 -5.82
C PHE B 382 -7.48 -32.87 -6.92
N THR B 383 -8.77 -32.76 -6.61
CA THR B 383 -9.73 -32.36 -7.62
C THR B 383 -10.56 -31.14 -7.25
N THR B 384 -10.17 -30.44 -6.19
CA THR B 384 -10.88 -29.23 -5.77
C THR B 384 -9.86 -28.18 -5.45
N PRO B 385 -10.24 -26.90 -5.59
CA PRO B 385 -9.35 -25.78 -5.30
C PRO B 385 -8.89 -25.83 -3.84
N GLU B 386 -9.84 -26.04 -2.94
CA GLU B 386 -9.53 -26.11 -1.51
C GLU B 386 -8.51 -27.21 -1.24
N GLU B 387 -8.63 -28.32 -1.95
CA GLU B 387 -7.72 -29.45 -1.77
C GLU B 387 -6.31 -29.09 -2.23
N GLY B 388 -6.22 -28.48 -3.41
CA GLY B 388 -4.94 -28.11 -3.94
C GLY B 388 -4.22 -27.16 -3.00
N VAL B 389 -4.92 -26.11 -2.56
CA VAL B 389 -4.31 -25.14 -1.66
C VAL B 389 -3.89 -25.78 -0.32
N ARG B 390 -4.70 -26.70 0.21
CA ARG B 390 -4.33 -27.35 1.45
C ARG B 390 -3.01 -28.06 1.19
N SER B 391 -2.89 -28.66 0.03
CA SER B 391 -1.65 -29.35 -0.31
C SER B 391 -0.49 -28.36 -0.47
N TYR B 392 -0.72 -27.34 -1.30
CA TYR B 392 0.28 -26.32 -1.58
C TYR B 392 0.83 -25.61 -0.37
N ALA B 393 -0.07 -25.07 0.44
CA ALA B 393 0.29 -24.34 1.66
C ALA B 393 1.02 -25.19 2.68
N SER B 394 0.64 -26.46 2.78
CA SER B 394 1.30 -27.36 3.74
C SER B 394 2.75 -27.63 3.35
N THR B 395 3.02 -27.70 2.06
CA THR B 395 4.38 -28.00 1.61
C THR B 395 5.16 -26.80 1.12
N HIS B 396 4.46 -25.74 0.72
CA HIS B 396 5.14 -24.55 0.22
C HIS B 396 5.03 -23.35 1.16
N TRP B 397 4.85 -23.62 2.46
CA TRP B 397 4.72 -22.54 3.42
C TRP B 397 5.92 -21.59 3.37
N HIS B 398 7.11 -22.12 3.16
CA HIS B 398 8.29 -21.28 3.15
C HIS B 398 8.37 -20.22 2.06
N THR B 399 7.62 -20.39 0.97
CA THR B 399 7.67 -19.42 -0.11
C THR B 399 6.52 -18.42 -0.02
N LEU B 400 5.92 -18.32 1.16
CA LEU B 400 4.79 -17.42 1.34
C LEU B 400 5.11 -16.20 2.21
N GLY B 401 6.38 -15.85 2.29
CA GLY B 401 6.78 -14.71 3.10
C GLY B 401 7.45 -15.22 4.36
N LYS B 402 8.57 -14.62 4.71
CA LYS B 402 9.33 -15.05 5.89
C LYS B 402 8.43 -15.28 7.11
N ASN B 403 7.61 -14.30 7.47
CA ASN B 403 6.77 -14.43 8.65
C ASN B 403 5.43 -15.12 8.37
N VAL B 404 4.71 -14.64 7.38
CA VAL B 404 3.42 -15.25 7.03
C VAL B 404 3.60 -16.75 6.80
N GLY B 405 4.63 -17.09 6.05
CA GLY B 405 4.89 -18.49 5.78
C GLY B 405 5.15 -19.26 7.06
N GLU B 406 6.03 -18.74 7.91
CA GLU B 406 6.36 -19.37 9.17
C GLU B 406 5.13 -19.59 10.03
N SER B 407 4.16 -18.69 9.91
CA SER B 407 2.93 -18.78 10.67
C SER B 407 2.03 -19.89 10.08
N ILE B 408 1.88 -19.88 8.76
CA ILE B 408 1.06 -20.89 8.09
C ILE B 408 1.65 -22.27 8.30
N ARG B 409 2.97 -22.33 8.49
CA ARG B 409 3.66 -23.58 8.72
C ARG B 409 3.19 -24.20 10.04
N GLU B 410 2.89 -23.36 11.03
CA GLU B 410 2.46 -23.87 12.33
C GLU B 410 0.96 -24.00 12.48
N TYR B 411 0.21 -23.41 11.56
CA TYR B 411 -1.24 -23.49 11.61
C TYR B 411 -2.15 -22.70 10.67
N PHE B 412 -2.95 -23.42 9.91
CA PHE B 412 -3.78 -22.82 8.88
C PHE B 412 -4.99 -23.71 8.66
N GLU B 413 -6.05 -23.11 8.13
CA GLU B 413 -7.21 -23.88 7.74
C GLU B 413 -7.83 -23.17 6.54
N ILE B 414 -8.67 -23.89 5.81
CA ILE B 414 -9.35 -23.34 4.67
C ILE B 414 -10.83 -23.30 5.01
N ILE B 415 -11.44 -22.13 4.87
CA ILE B 415 -12.85 -21.95 5.17
C ILE B 415 -13.64 -21.65 3.90
N SER B 416 -14.87 -22.15 3.83
CA SER B 416 -15.73 -21.92 2.69
C SER B 416 -17.18 -22.12 3.08
N GLY B 417 -18.09 -21.42 2.41
CA GLY B 417 -19.49 -21.54 2.73
C GLY B 417 -19.91 -20.67 3.90
N GLU B 418 -20.97 -21.10 4.59
CA GLU B 418 -21.50 -20.35 5.73
C GLU B 418 -20.41 -20.02 6.74
N LYS B 419 -19.60 -21.02 7.07
CA LYS B 419 -18.52 -20.84 8.02
C LYS B 419 -17.58 -19.71 7.62
N LEU B 420 -17.57 -19.40 6.32
CA LEU B 420 -16.72 -18.33 5.79
C LEU B 420 -17.34 -16.96 5.95
N PHE B 421 -18.60 -16.86 5.57
CA PHE B 421 -19.36 -15.62 5.65
C PHE B 421 -19.38 -15.06 7.06
N LYS B 422 -18.97 -15.88 8.03
CA LYS B 422 -19.00 -15.50 9.43
C LYS B 422 -17.70 -14.84 9.87
N GLU B 423 -16.66 -14.94 9.04
CA GLU B 423 -15.37 -14.34 9.36
C GLU B 423 -15.42 -12.85 9.03
N PRO B 424 -14.48 -12.05 9.58
CA PRO B 424 -14.43 -10.61 9.33
C PRO B 424 -13.71 -10.57 7.98
N VAL B 425 -14.39 -10.99 6.92
CA VAL B 425 -13.93 -10.76 5.57
C VAL B 425 -15.01 -10.43 4.56
N THR B 426 -16.25 -10.31 5.01
CA THR B 426 -17.36 -10.04 4.10
C THR B 426 -17.18 -8.80 3.23
N ALA B 427 -16.52 -7.77 3.75
CA ALA B 427 -16.33 -6.56 2.95
C ALA B 427 -15.31 -6.79 1.84
N GLU B 428 -14.25 -7.52 2.16
CA GLU B 428 -13.22 -7.81 1.17
C GLU B 428 -13.77 -8.71 0.06
N LEU B 429 -14.72 -9.57 0.43
CA LEU B 429 -15.34 -10.47 -0.52
C LEU B 429 -16.24 -9.73 -1.51
N CYS B 430 -17.00 -8.77 -1.02
CA CYS B 430 -17.88 -8.00 -1.89
C CYS B 430 -17.04 -7.21 -2.87
N GLU B 431 -15.99 -6.58 -2.37
CA GLU B 431 -15.11 -5.79 -3.21
C GLU B 431 -14.47 -6.68 -4.27
N MET B 432 -14.02 -7.86 -3.85
CA MET B 432 -13.37 -8.81 -4.74
C MET B 432 -14.27 -9.31 -5.88
N MET B 433 -15.56 -9.50 -5.58
CA MET B 433 -16.52 -10.00 -6.56
C MET B 433 -17.31 -8.90 -7.27
N GLY B 434 -16.99 -7.66 -6.96
CA GLY B 434 -17.68 -6.54 -7.59
C GLY B 434 -19.13 -6.42 -7.18
N VAL B 435 -19.45 -6.83 -5.95
CA VAL B 435 -20.83 -6.73 -5.50
C VAL B 435 -21.17 -5.23 -5.49
N LYS B 436 -22.37 -4.87 -5.95
CA LYS B 436 -22.75 -3.47 -5.91
C LYS B 436 -24.12 -3.27 -5.26
N ASP B 437 -24.58 -2.02 -5.26
CA ASP B 437 -25.76 -1.59 -4.50
C ASP B 437 -25.32 -0.95 -3.20
#